data_6YYV
#
_entry.id   6YYV
#
_cell.length_a   48.802
_cell.length_b   70.521
_cell.length_c   174.488
_cell.angle_alpha   90.000
_cell.angle_beta   90.000
_cell.angle_gamma   90.000
#
_symmetry.space_group_name_H-M   'P 21 21 21'
#
loop_
_entity.id
_entity.type
_entity.pdbx_description
1 polymer 'Aspartyl/asparaginyl beta-hydroxylase'
2 non-polymer 'MANGANESE (II) ION'
3 non-polymer '(3~{R})-3-methyl-2-oxidanylidene-pentanedioic acid'
4 water water
#
_entity_poly.entity_id   1
_entity_poly.type   'polypeptide(L)'
_entity_poly.pdbx_seq_one_letter_code
;KPKLLNKFDKTIKAELDAAEKLRKRGKIEEAVNAFKELVRKYPQSPRARYGKAQCEDDLAEKRRSNEVLRGAIETYQEVA
SLPDVPADLLKLSLKRRSDRQQFLGHMRGSLLTLQRLVQLFPNDTSLKNDLGVGYLLIGDNDNAKKVYEEVLSVTPNDGF
AKVHYGFILKAQNKIAESIPYLKEGIESGDPGTDDGRFYFHLGDAMQRVGNKEAYKWYELGHKRGHFASVWQRSLYNVNG
LKAQPWWTPKETGYTELVKSLERNWKLIRDEGLAVMDKAKGLFLPEDENLREKGDWSQFTLWQQGRRNENACKGAPKTCT
LLEKFPETTGCRRGQIKYSIMHPGTHVWPHTGPTNCRLRMHLGLVIPKEGCKIRCANETKTWEEGKVLIFDDSFEHEVWQ
DASSFRLIFIVDVWHPELTPQQRRSLPAI
;
_entity_poly.pdbx_strand_id   A
#
loop_
_chem_comp.id
_chem_comp.type
_chem_comp.name
_chem_comp.formula
MN non-polymer 'MANGANESE (II) ION' 'Mn 2'
Q1Z non-polymer '(3~{R})-3-methyl-2-oxidanylidene-pentanedioic acid' 'C6 H8 O5'
#
# COMPACT_ATOMS: atom_id res chain seq x y z
N LYS A 1 -30.40 -15.45 -9.68
CA LYS A 1 -30.38 -16.85 -9.30
C LYS A 1 -30.11 -17.24 -7.84
N PRO A 2 -30.15 -16.29 -6.90
CA PRO A 2 -30.10 -16.67 -5.49
C PRO A 2 -31.49 -16.81 -4.87
N LYS A 3 -31.57 -17.71 -3.90
CA LYS A 3 -32.81 -17.97 -3.18
C LYS A 3 -32.77 -17.27 -1.83
N LEU A 4 -33.57 -16.22 -1.68
CA LEU A 4 -33.51 -15.36 -0.50
C LEU A 4 -34.77 -15.40 0.35
N LEU A 5 -35.69 -16.34 0.11
CA LEU A 5 -36.98 -16.34 0.76
C LEU A 5 -37.33 -17.72 1.31
N ASN A 6 -37.49 -17.83 2.63
CA ASN A 6 -38.01 -19.04 3.24
C ASN A 6 -39.52 -19.11 3.00
N LYS A 7 -40.14 -20.16 3.53
CA LYS A 7 -41.57 -20.37 3.31
C LYS A 7 -42.37 -19.11 3.61
N PHE A 8 -42.03 -18.45 4.72
CA PHE A 8 -42.66 -17.19 5.09
C PHE A 8 -42.51 -16.15 3.99
N ASP A 9 -41.28 -15.67 3.77
CA ASP A 9 -41.05 -14.48 2.97
C ASP A 9 -41.78 -14.53 1.62
N LYS A 10 -41.95 -15.74 1.06
CA LYS A 10 -42.60 -15.86 -0.24
C LYS A 10 -44.00 -15.24 -0.24
N THR A 11 -44.68 -15.26 0.90
CA THR A 11 -46.06 -14.78 0.95
C THR A 11 -46.14 -13.26 0.85
N ILE A 12 -45.11 -12.55 1.31
CA ILE A 12 -45.16 -11.09 1.41
C ILE A 12 -44.29 -10.47 0.33
N LYS A 13 -44.11 -11.18 -0.78
CA LYS A 13 -43.17 -10.74 -1.80
C LYS A 13 -43.55 -9.38 -2.37
N ALA A 14 -44.83 -9.20 -2.70
CA ALA A 14 -45.24 -7.94 -3.31
C ALA A 14 -44.80 -6.75 -2.48
N GLU A 15 -44.78 -6.90 -1.16
CA GLU A 15 -44.33 -5.83 -0.28
C GLU A 15 -42.81 -5.72 -0.30
N LEU A 16 -42.11 -6.86 -0.22
CA LEU A 16 -40.65 -6.82 -0.12
C LEU A 16 -40.04 -6.20 -1.37
N ASP A 17 -40.63 -6.50 -2.53
CA ASP A 17 -40.15 -5.91 -3.77
C ASP A 17 -40.43 -4.41 -3.84
N ALA A 18 -41.50 -3.96 -3.19
CA ALA A 18 -41.78 -2.53 -3.09
C ALA A 18 -40.66 -1.79 -2.36
N ALA A 19 -40.41 -2.16 -1.10
CA ALA A 19 -39.34 -1.54 -0.33
C ALA A 19 -38.01 -1.69 -1.04
N GLU A 20 -37.84 -2.79 -1.79
CA GLU A 20 -36.59 -2.99 -2.52
C GLU A 20 -36.49 -2.02 -3.69
N LYS A 21 -37.55 -1.95 -4.50
CA LYS A 21 -37.56 -1.00 -5.62
C LYS A 21 -37.30 0.43 -5.16
N LEU A 22 -37.78 0.80 -3.96
CA LEU A 22 -37.51 2.14 -3.44
C LEU A 22 -36.02 2.38 -3.31
N ARG A 23 -35.28 1.39 -2.83
CA ARG A 23 -33.82 1.51 -2.71
C ARG A 23 -33.16 1.58 -4.07
N LYS A 24 -33.54 0.67 -4.97
CA LYS A 24 -33.04 0.73 -6.34
C LYS A 24 -33.37 2.07 -6.98
N ARG A 25 -34.48 2.70 -6.60
CA ARG A 25 -34.77 4.04 -7.08
C ARG A 25 -33.83 5.08 -6.50
N GLY A 26 -33.20 4.78 -5.36
CA GLY A 26 -32.37 5.75 -4.67
C GLY A 26 -33.08 6.49 -3.56
N LYS A 27 -34.39 6.33 -3.44
CA LYS A 27 -35.18 6.96 -2.37
C LYS A 27 -34.97 6.13 -1.11
N ILE A 28 -33.84 6.37 -0.46
CA ILE A 28 -33.33 5.44 0.55
C ILE A 28 -34.14 5.53 1.83
N GLU A 29 -34.34 6.76 2.34
CA GLU A 29 -34.95 6.94 3.65
C GLU A 29 -36.29 6.22 3.77
N GLU A 30 -36.98 5.99 2.65
CA GLU A 30 -38.28 5.32 2.66
C GLU A 30 -38.16 3.81 2.66
N ALA A 31 -37.27 3.28 1.82
CA ALA A 31 -36.91 1.87 1.92
C ALA A 31 -36.58 1.50 3.36
N VAL A 32 -35.77 2.34 4.02
CA VAL A 32 -35.43 2.11 5.42
C VAL A 32 -36.69 2.01 6.26
N ASN A 33 -37.52 3.06 6.24
CA ASN A 33 -38.77 3.05 7.00
C ASN A 33 -39.68 1.93 6.55
N ALA A 34 -39.79 1.72 5.24
CA ALA A 34 -40.51 0.57 4.69
C ALA A 34 -40.04 -0.70 5.37
N PHE A 35 -38.78 -1.08 5.14
CA PHE A 35 -38.23 -2.28 5.77
C PHE A 35 -38.38 -2.21 7.29
N LYS A 36 -37.86 -1.14 7.92
CA LYS A 36 -37.99 -1.01 9.38
C LYS A 36 -39.43 -1.29 9.81
N GLU A 37 -40.40 -0.86 9.00
CA GLU A 37 -41.82 -1.01 9.31
C GLU A 37 -42.36 -2.36 8.84
N LEU A 38 -41.49 -3.34 8.73
CA LEU A 38 -41.90 -4.69 8.36
C LEU A 38 -41.47 -5.74 9.36
N VAL A 39 -40.43 -5.49 10.15
CA VAL A 39 -40.09 -6.43 11.20
C VAL A 39 -41.12 -6.35 12.32
N ARG A 40 -41.56 -5.14 12.66
CA ARG A 40 -42.66 -5.03 13.62
C ARG A 40 -43.91 -5.73 13.08
N LYS A 41 -44.09 -5.72 11.75
CA LYS A 41 -45.21 -6.42 11.13
C LYS A 41 -44.84 -7.83 10.69
N TYR A 42 -43.56 -8.08 10.42
CA TYR A 42 -43.11 -9.36 9.88
C TYR A 42 -41.80 -9.74 10.56
N PRO A 43 -41.85 -9.98 11.86
CA PRO A 43 -40.61 -10.14 12.64
C PRO A 43 -39.77 -11.31 12.17
N GLN A 44 -40.41 -12.42 11.84
CA GLN A 44 -39.72 -13.68 11.63
C GLN A 44 -39.02 -13.78 10.29
N SER A 45 -39.29 -12.89 9.35
CA SER A 45 -38.82 -13.15 8.01
C SER A 45 -37.33 -12.80 7.88
N PRO A 46 -36.52 -13.68 7.30
CA PRO A 46 -35.15 -13.31 6.92
C PRO A 46 -35.09 -12.21 5.87
N ARG A 47 -35.77 -12.39 4.73
CA ARG A 47 -35.59 -11.45 3.62
C ARG A 47 -36.01 -10.04 4.00
N ALA A 48 -37.02 -9.89 4.86
CA ALA A 48 -37.37 -8.54 5.32
C ALA A 48 -36.22 -7.96 6.12
N ARG A 49 -35.70 -8.76 7.06
CA ARG A 49 -34.58 -8.31 7.89
C ARG A 49 -33.37 -7.97 7.02
N TYR A 50 -33.02 -8.86 6.07
CA TYR A 50 -31.92 -8.56 5.17
C TYR A 50 -32.14 -7.22 4.49
N GLY A 51 -33.38 -6.92 4.10
CA GLY A 51 -33.66 -5.69 3.39
C GLY A 51 -33.37 -4.46 4.22
N LYS A 52 -33.84 -4.45 5.47
CA LYS A 52 -33.52 -3.37 6.38
C LYS A 52 -32.01 -3.11 6.42
N ALA A 53 -31.21 -4.17 6.47
CA ALA A 53 -29.77 -4.00 6.61
C ALA A 53 -29.18 -3.42 5.33
N GLN A 54 -29.60 -3.95 4.18
CA GLN A 54 -29.16 -3.40 2.90
C GLN A 54 -29.45 -1.90 2.81
N CYS A 55 -30.61 -1.48 3.33
CA CYS A 55 -30.94 -0.05 3.34
C CYS A 55 -29.97 0.72 4.23
N GLU A 56 -29.78 0.26 5.46
CA GLU A 56 -28.80 0.91 6.32
C GLU A 56 -27.44 0.95 5.64
N ASP A 57 -27.05 -0.14 5.00
CA ASP A 57 -25.77 -0.19 4.32
C ASP A 57 -25.69 0.93 3.29
N ASP A 58 -26.77 1.15 2.56
CA ASP A 58 -26.75 2.17 1.51
C ASP A 58 -26.77 3.58 2.12
N LEU A 59 -27.70 3.82 3.05
CA LEU A 59 -27.69 5.09 3.78
C LEU A 59 -26.29 5.45 4.28
N ALA A 60 -25.49 4.44 4.65
CA ALA A 60 -24.17 4.70 5.22
C ALA A 60 -23.24 5.26 4.15
N GLU A 61 -23.20 4.64 2.96
CA GLU A 61 -22.35 5.16 1.88
C GLU A 61 -22.82 6.54 1.44
N LYS A 62 -24.14 6.74 1.34
CA LYS A 62 -24.68 8.05 1.01
C LYS A 62 -24.21 9.10 2.01
N ARG A 63 -24.50 8.86 3.29
CA ARG A 63 -24.21 9.83 4.33
C ARG A 63 -22.76 9.79 4.81
N ARG A 64 -21.91 8.92 4.25
CA ARG A 64 -20.53 8.81 4.70
C ARG A 64 -20.48 8.61 6.22
N SER A 65 -21.37 7.75 6.73
CA SER A 65 -21.61 7.63 8.17
C SER A 65 -21.22 6.27 8.74
N ASN A 66 -20.13 6.27 9.53
CA ASN A 66 -19.76 5.06 10.26
C ASN A 66 -20.85 4.65 11.24
N GLU A 67 -21.48 5.62 11.91
CA GLU A 67 -22.50 5.32 12.90
C GLU A 67 -23.66 4.54 12.26
N VAL A 68 -24.12 5.01 11.09
CA VAL A 68 -25.18 4.30 10.38
C VAL A 68 -24.75 2.87 10.08
N LEU A 69 -23.52 2.72 9.59
CA LEU A 69 -23.04 1.42 9.14
C LEU A 69 -22.93 0.43 10.29
N ARG A 70 -22.57 0.92 11.49
CA ARG A 70 -22.56 0.03 12.64
C ARG A 70 -23.95 -0.57 12.85
N GLY A 71 -24.99 0.21 12.59
CA GLY A 71 -26.33 -0.32 12.68
C GLY A 71 -26.55 -1.42 11.66
N ALA A 72 -26.18 -1.17 10.40
CA ALA A 72 -26.28 -2.22 9.39
C ALA A 72 -25.55 -3.50 9.83
N ILE A 73 -24.36 -3.37 10.41
CA ILE A 73 -23.61 -4.56 10.79
C ILE A 73 -24.40 -5.42 11.81
N GLU A 74 -25.14 -4.77 12.70
CA GLU A 74 -25.91 -5.60 13.62
C GLU A 74 -27.13 -6.22 12.96
N THR A 75 -27.75 -5.51 12.01
CA THR A 75 -28.95 -6.06 11.41
C THR A 75 -28.60 -7.24 10.52
N TYR A 76 -27.47 -7.18 9.82
CA TYR A 76 -26.98 -8.35 9.11
C TYR A 76 -26.86 -9.55 10.05
N GLN A 77 -26.38 -9.32 11.27
CA GLN A 77 -26.33 -10.35 12.30
C GLN A 77 -27.74 -10.85 12.65
N GLU A 78 -28.69 -9.93 12.81
CA GLU A 78 -30.06 -10.34 13.11
C GLU A 78 -30.58 -11.31 12.06
N VAL A 79 -30.30 -11.07 10.78
CA VAL A 79 -30.78 -11.99 9.75
C VAL A 79 -30.43 -13.44 10.11
N ALA A 80 -29.17 -13.66 10.51
CA ALA A 80 -28.71 -15.01 10.79
C ALA A 80 -29.28 -15.61 12.08
N SER A 81 -30.01 -14.83 12.88
CA SER A 81 -30.57 -15.35 14.13
C SER A 81 -31.95 -15.98 13.97
N LEU A 82 -32.60 -15.79 12.83
CA LEU A 82 -34.00 -16.18 12.62
C LEU A 82 -34.07 -17.61 12.12
N PRO A 83 -35.27 -18.19 12.09
CA PRO A 83 -35.38 -19.62 11.80
C PRO A 83 -35.49 -19.94 10.32
N ASP A 84 -35.03 -21.14 9.99
CA ASP A 84 -35.10 -21.67 8.63
C ASP A 84 -34.64 -20.66 7.59
N VAL A 85 -33.65 -19.84 7.95
CA VAL A 85 -33.11 -18.88 6.97
C VAL A 85 -32.45 -19.65 5.83
N PRO A 86 -32.64 -19.24 4.58
CA PRO A 86 -32.06 -20.01 3.47
C PRO A 86 -30.56 -19.78 3.35
N ALA A 87 -29.85 -20.88 3.06
CA ALA A 87 -28.40 -20.85 3.01
C ALA A 87 -27.86 -19.68 2.20
N ASP A 88 -28.36 -19.49 0.98
CA ASP A 88 -27.86 -18.39 0.15
C ASP A 88 -27.98 -17.05 0.87
N LEU A 89 -29.04 -16.86 1.66
CA LEU A 89 -29.25 -15.60 2.35
C LEU A 89 -28.37 -15.47 3.59
N LEU A 90 -28.28 -16.54 4.39
CA LEU A 90 -27.34 -16.56 5.49
C LEU A 90 -25.94 -16.15 5.03
N LYS A 91 -25.46 -16.77 3.95
CA LYS A 91 -24.12 -16.50 3.46
C LYS A 91 -23.98 -15.05 3.00
N LEU A 92 -24.98 -14.53 2.29
CA LEU A 92 -24.89 -13.15 1.81
C LEU A 92 -24.76 -12.17 2.96
N SER A 93 -25.56 -12.38 4.01
CA SER A 93 -25.67 -11.42 5.10
C SER A 93 -24.38 -11.39 5.94
N LEU A 94 -23.92 -12.55 6.36
CA LEU A 94 -22.71 -12.61 7.17
C LEU A 94 -21.49 -12.18 6.37
N LYS A 95 -21.42 -12.54 5.08
CA LYS A 95 -20.28 -12.09 4.26
C LYS A 95 -20.23 -10.56 4.21
N ARG A 96 -21.38 -9.93 3.93
CA ARG A 96 -21.44 -8.47 3.92
C ARG A 96 -21.10 -7.91 5.31
N ARG A 97 -21.63 -8.52 6.36
CA ARG A 97 -21.22 -8.12 7.70
C ARG A 97 -19.70 -8.12 7.87
N SER A 98 -19.05 -9.23 7.50
CA SER A 98 -17.60 -9.31 7.61
C SER A 98 -16.92 -8.19 6.83
N ASP A 99 -17.39 -7.97 5.60
CA ASP A 99 -16.78 -6.95 4.75
C ASP A 99 -16.91 -5.57 5.36
N ARG A 100 -18.07 -5.25 5.93
CA ARG A 100 -18.25 -3.95 6.51
C ARG A 100 -17.52 -3.84 7.84
N GLN A 101 -17.43 -4.94 8.59
CA GLN A 101 -16.57 -4.94 9.76
C GLN A 101 -15.15 -4.58 9.36
N GLN A 102 -14.65 -5.22 8.30
CA GLN A 102 -13.31 -4.94 7.84
C GLN A 102 -13.17 -3.49 7.40
N PHE A 103 -14.21 -2.95 6.75
CA PHE A 103 -14.20 -1.55 6.35
C PHE A 103 -13.99 -0.62 7.54
N LEU A 104 -14.60 -0.94 8.70
CA LEU A 104 -14.47 -0.07 9.86
C LEU A 104 -13.18 -0.33 10.64
N GLY A 105 -12.40 -1.32 10.24
CA GLY A 105 -11.26 -1.74 11.00
C GLY A 105 -11.54 -2.69 12.12
N HIS A 106 -12.74 -3.27 12.21
CA HIS A 106 -13.05 -4.32 13.18
C HIS A 106 -12.50 -5.66 12.68
N MET A 107 -11.17 -5.76 12.64
CA MET A 107 -10.54 -6.88 11.94
C MET A 107 -10.78 -8.19 12.68
N ARG A 108 -10.72 -8.15 14.00
CA ARG A 108 -10.97 -9.38 14.73
C ARG A 108 -12.45 -9.70 14.78
N GLY A 109 -13.29 -8.66 14.88
CA GLY A 109 -14.71 -8.89 14.68
C GLY A 109 -15.05 -9.55 13.36
N SER A 110 -14.46 -9.06 12.25
CA SER A 110 -14.62 -9.74 10.96
C SER A 110 -14.11 -11.18 11.01
N LEU A 111 -12.96 -11.40 11.63
CA LEU A 111 -12.45 -12.77 11.72
C LEU A 111 -13.45 -13.68 12.43
N LEU A 112 -14.12 -13.18 13.47
CA LEU A 112 -15.08 -14.01 14.17
C LEU A 112 -16.29 -14.31 13.31
N THR A 113 -16.74 -13.32 12.52
CA THR A 113 -17.81 -13.59 11.55
C THR A 113 -17.40 -14.65 10.53
N LEU A 114 -16.18 -14.54 10.00
CA LEU A 114 -15.74 -15.50 8.98
C LEU A 114 -15.55 -16.90 9.55
N GLN A 115 -15.06 -16.98 10.78
CA GLN A 115 -15.02 -18.28 11.43
C GLN A 115 -16.41 -18.88 11.51
N ARG A 116 -17.42 -18.05 11.78
CA ARG A 116 -18.78 -18.57 11.86
C ARG A 116 -19.22 -19.09 10.51
N LEU A 117 -18.95 -18.32 9.46
CA LEU A 117 -19.33 -18.72 8.12
C LEU A 117 -18.73 -20.08 7.76
N VAL A 118 -17.46 -20.30 8.05
CA VAL A 118 -16.83 -21.58 7.72
C VAL A 118 -17.45 -22.72 8.53
N GLN A 119 -17.80 -22.50 9.81
CA GLN A 119 -18.50 -23.53 10.57
CA GLN A 119 -18.51 -23.53 10.57
C GLN A 119 -19.83 -23.88 9.92
N LEU A 120 -20.57 -22.87 9.48
CA LEU A 120 -21.87 -23.12 8.86
C LEU A 120 -21.76 -23.84 7.53
N PHE A 121 -20.75 -23.48 6.72
CA PHE A 121 -20.60 -23.98 5.36
C PHE A 121 -19.24 -24.62 5.19
N PRO A 122 -19.03 -25.82 5.73
CA PRO A 122 -17.69 -26.40 5.76
C PRO A 122 -17.13 -26.81 4.40
N ASN A 123 -17.91 -26.71 3.33
CA ASN A 123 -17.44 -27.09 2.01
C ASN A 123 -17.33 -25.93 1.05
N ASP A 124 -17.58 -24.69 1.50
CA ASP A 124 -17.48 -23.52 0.63
C ASP A 124 -16.04 -23.05 0.68
N THR A 125 -15.28 -23.46 -0.35
CA THR A 125 -13.91 -23.03 -0.56
C THR A 125 -13.78 -21.52 -0.55
N SER A 126 -14.71 -20.84 -1.18
CA SER A 126 -14.66 -19.37 -1.23
C SER A 126 -14.57 -18.79 0.18
N LEU A 127 -15.28 -19.39 1.13
CA LEU A 127 -15.32 -18.83 2.47
C LEU A 127 -14.06 -19.14 3.25
N LYS A 128 -13.42 -20.29 2.99
CA LYS A 128 -12.13 -20.54 3.61
C LYS A 128 -11.14 -19.49 3.13
N ASN A 129 -11.15 -19.20 1.82
CA ASN A 129 -10.23 -18.22 1.24
C ASN A 129 -10.44 -16.87 1.92
N ASP A 130 -11.71 -16.51 2.18
CA ASP A 130 -11.99 -15.26 2.88
C ASP A 130 -11.54 -15.34 4.32
N LEU A 131 -11.71 -16.50 4.96
CA LEU A 131 -11.20 -16.65 6.33
C LEU A 131 -9.68 -16.44 6.37
N GLY A 132 -8.97 -16.96 5.38
CA GLY A 132 -7.53 -16.76 5.37
C GLY A 132 -7.20 -15.29 5.33
N VAL A 133 -7.96 -14.52 4.55
CA VAL A 133 -7.74 -13.08 4.53
C VAL A 133 -7.97 -12.47 5.89
N GLY A 134 -9.00 -12.95 6.59
CA GLY A 134 -9.24 -12.47 7.96
C GLY A 134 -8.08 -12.70 8.91
N TYR A 135 -7.43 -13.87 8.81
CA TYR A 135 -6.26 -14.12 9.63
C TYR A 135 -5.10 -13.21 9.21
N LEU A 136 -4.91 -13.00 7.89
CA LEU A 136 -3.87 -12.08 7.44
C LEU A 136 -4.11 -10.67 7.98
N LEU A 137 -5.35 -10.22 8.00
CA LEU A 137 -5.62 -8.85 8.42
C LEU A 137 -5.41 -8.64 9.91
N ILE A 138 -5.43 -9.67 10.75
CA ILE A 138 -5.03 -9.49 12.16
C ILE A 138 -3.55 -9.84 12.37
N GLY A 139 -2.80 -10.13 11.30
CA GLY A 139 -1.39 -10.47 11.47
C GLY A 139 -1.11 -11.92 11.78
N ASP A 140 -2.07 -12.82 11.62
CA ASP A 140 -1.89 -14.21 12.04
C ASP A 140 -1.58 -15.04 10.80
N ASN A 141 -0.32 -14.92 10.33
CA ASN A 141 0.06 -15.59 9.08
C ASN A 141 0.09 -17.09 9.24
N ASP A 142 0.38 -17.58 10.46
CA ASP A 142 0.43 -19.02 10.69
C ASP A 142 -0.94 -19.68 10.48
N ASN A 143 -1.99 -19.07 11.00
CA ASN A 143 -3.32 -19.65 10.80
C ASN A 143 -3.79 -19.47 9.37
N ALA A 144 -3.46 -18.33 8.76
CA ALA A 144 -3.78 -18.16 7.34
C ALA A 144 -3.05 -19.19 6.50
N LYS A 145 -1.79 -19.49 6.85
CA LYS A 145 -1.08 -20.52 6.09
C LYS A 145 -1.80 -21.85 6.15
N LYS A 146 -2.28 -22.23 7.33
CA LYS A 146 -3.02 -23.49 7.48
C LYS A 146 -4.32 -23.48 6.69
N VAL A 147 -5.03 -22.35 6.68
CA VAL A 147 -6.25 -22.25 5.89
C VAL A 147 -5.98 -22.52 4.41
N TYR A 148 -5.01 -21.84 3.82
CA TYR A 148 -4.78 -22.00 2.38
C TYR A 148 -4.20 -23.38 2.05
N GLU A 149 -3.44 -23.96 2.98
CA GLU A 149 -3.01 -25.35 2.83
C GLU A 149 -4.22 -26.29 2.77
N GLU A 150 -5.21 -26.08 3.63
CA GLU A 150 -6.45 -26.83 3.56
C GLU A 150 -7.11 -26.66 2.20
N VAL A 151 -7.25 -25.40 1.77
CA VAL A 151 -7.91 -25.14 0.49
C VAL A 151 -7.18 -25.88 -0.64
N LEU A 152 -5.86 -25.77 -0.65
CA LEU A 152 -5.07 -26.33 -1.73
C LEU A 152 -5.07 -27.84 -1.70
N SER A 153 -5.30 -28.44 -0.53
CA SER A 153 -5.34 -29.90 -0.47
C SER A 153 -6.62 -30.43 -1.08
N VAL A 154 -7.69 -29.65 -1.07
CA VAL A 154 -8.96 -30.05 -1.68
C VAL A 154 -9.06 -29.54 -3.11
N THR A 155 -8.69 -28.28 -3.36
CA THR A 155 -8.76 -27.67 -4.69
C THR A 155 -7.36 -27.16 -5.05
N PRO A 156 -6.52 -28.00 -5.64
CA PRO A 156 -5.10 -27.64 -5.74
C PRO A 156 -4.80 -26.54 -6.76
N ASN A 157 -5.73 -26.17 -7.63
CA ASN A 157 -5.52 -25.13 -8.63
C ASN A 157 -6.33 -23.85 -8.33
N ASP A 158 -6.83 -23.69 -7.11
CA ASP A 158 -7.49 -22.44 -6.75
C ASP A 158 -6.45 -21.33 -6.74
N GLY A 159 -6.57 -20.39 -7.69
CA GLY A 159 -5.54 -19.36 -7.84
C GLY A 159 -5.54 -18.34 -6.73
N PHE A 160 -6.72 -18.06 -6.16
CA PHE A 160 -6.79 -17.16 -5.01
C PHE A 160 -5.98 -17.70 -3.84
N ALA A 161 -6.19 -18.96 -3.52
CA ALA A 161 -5.39 -19.62 -2.49
C ALA A 161 -3.91 -19.62 -2.84
N LYS A 162 -3.57 -19.85 -4.11
CA LYS A 162 -2.16 -19.87 -4.49
C LYS A 162 -1.48 -18.53 -4.31
N VAL A 163 -2.14 -17.43 -4.68
CA VAL A 163 -1.41 -16.17 -4.61
C VAL A 163 -1.24 -15.76 -3.18
N HIS A 164 -2.22 -16.11 -2.31
CA HIS A 164 -2.09 -15.75 -0.91
C HIS A 164 -1.07 -16.66 -0.23
N TYR A 165 -1.05 -17.92 -0.60
CA TYR A 165 -0.03 -18.82 -0.07
C TYR A 165 1.36 -18.37 -0.48
N GLY A 166 1.56 -17.97 -1.74
CA GLY A 166 2.86 -17.41 -2.13
C GLY A 166 3.25 -16.18 -1.35
N PHE A 167 2.30 -15.29 -1.14
CA PHE A 167 2.57 -14.13 -0.32
C PHE A 167 3.03 -14.53 1.08
N ILE A 168 2.37 -15.51 1.67
CA ILE A 168 2.72 -15.95 3.03
C ILE A 168 4.12 -16.57 3.02
N LEU A 169 4.40 -17.45 2.05
CA LEU A 169 5.74 -18.01 1.95
C LEU A 169 6.78 -16.89 1.86
N LYS A 170 6.53 -15.89 1.01
CA LYS A 170 7.52 -14.84 0.85
C LYS A 170 7.77 -14.14 2.18
N ALA A 171 6.71 -13.83 2.93
CA ALA A 171 6.84 -13.16 4.22
C ALA A 171 7.61 -13.99 5.25
N GLN A 172 7.64 -15.32 5.09
CA GLN A 172 8.37 -16.24 5.97
C GLN A 172 9.79 -16.43 5.51
N ASN A 173 10.22 -15.63 4.54
CA ASN A 173 11.54 -15.68 3.91
C ASN A 173 11.75 -16.93 3.06
N LYS A 174 10.68 -17.56 2.60
CA LYS A 174 10.75 -18.62 1.59
C LYS A 174 10.51 -18.01 0.22
N ILE A 175 11.50 -17.23 -0.20
CA ILE A 175 11.33 -16.34 -1.33
C ILE A 175 11.24 -17.12 -2.62
N ALA A 176 12.17 -18.07 -2.82
CA ALA A 176 12.16 -18.88 -4.05
C ALA A 176 10.90 -19.73 -4.13
N GLU A 177 10.47 -20.28 -3.00
CA GLU A 177 9.29 -21.13 -2.99
C GLU A 177 8.03 -20.32 -3.32
N SER A 178 7.99 -19.02 -3.01
CA SER A 178 6.77 -18.25 -3.22
C SER A 178 6.49 -18.01 -4.69
N ILE A 179 7.54 -17.98 -5.50
CA ILE A 179 7.41 -17.51 -6.87
C ILE A 179 6.45 -18.37 -7.71
N PRO A 180 6.58 -19.71 -7.76
CA PRO A 180 5.62 -20.48 -8.57
C PRO A 180 4.18 -20.34 -8.11
N TYR A 181 3.96 -20.17 -6.81
CA TYR A 181 2.61 -19.97 -6.34
C TYR A 181 2.04 -18.65 -6.85
N LEU A 182 2.82 -17.58 -6.74
CA LEU A 182 2.38 -16.27 -7.22
C LEU A 182 2.12 -16.31 -8.71
N LYS A 183 3.05 -16.91 -9.45
CA LYS A 183 2.90 -16.96 -10.90
C LYS A 183 1.66 -17.76 -11.30
N GLU A 184 1.54 -18.97 -10.76
CA GLU A 184 0.43 -19.85 -11.16
C GLU A 184 -0.89 -19.23 -10.75
N GLY A 185 -0.92 -18.62 -9.56
CA GLY A 185 -2.13 -17.96 -9.12
C GLY A 185 -2.53 -16.83 -10.04
N ILE A 186 -1.56 -15.99 -10.39
CA ILE A 186 -1.86 -14.89 -11.30
C ILE A 186 -2.30 -15.45 -12.62
N GLU A 187 -1.59 -16.47 -13.11
CA GLU A 187 -1.96 -17.00 -14.43
C GLU A 187 -3.30 -17.71 -14.42
N SER A 188 -3.80 -18.16 -13.25
CA SER A 188 -5.13 -18.80 -13.24
C SER A 188 -6.20 -17.82 -13.66
N GLY A 189 -5.95 -16.54 -13.47
CA GLY A 189 -6.96 -15.58 -13.80
C GLY A 189 -8.16 -15.61 -12.89
N ASP A 190 -8.12 -16.37 -11.79
CA ASP A 190 -9.28 -16.48 -10.91
C ASP A 190 -9.62 -15.14 -10.23
N PRO A 191 -10.87 -14.95 -9.84
CA PRO A 191 -11.27 -13.70 -9.15
C PRO A 191 -10.38 -13.45 -7.94
N GLY A 192 -9.92 -12.21 -7.78
CA GLY A 192 -9.07 -11.81 -6.69
C GLY A 192 -7.59 -11.99 -6.94
N THR A 193 -7.19 -12.58 -8.08
CA THR A 193 -5.77 -12.74 -8.37
C THR A 193 -5.21 -11.60 -9.19
N ASP A 194 -6.05 -10.80 -9.83
CA ASP A 194 -5.54 -9.72 -10.69
C ASP A 194 -5.42 -8.45 -9.87
N ASP A 195 -4.41 -8.48 -9.01
CA ASP A 195 -4.22 -7.53 -7.92
C ASP A 195 -2.79 -7.09 -7.96
N GLY A 196 -2.57 -5.79 -8.02
CA GLY A 196 -1.21 -5.28 -8.14
C GLY A 196 -0.27 -5.73 -7.04
N ARG A 197 -0.80 -6.01 -5.84
CA ARG A 197 0.06 -6.44 -4.73
C ARG A 197 0.77 -7.75 -5.05
N PHE A 198 0.12 -8.69 -5.80
CA PHE A 198 0.77 -9.96 -6.15
C PHE A 198 1.76 -9.81 -7.28
N TYR A 199 1.51 -8.91 -8.24
CA TYR A 199 2.55 -8.53 -9.19
C TYR A 199 3.75 -7.90 -8.48
N PHE A 200 3.48 -7.00 -7.51
CA PHE A 200 4.59 -6.40 -6.74
C PHE A 200 5.43 -7.48 -6.09
N HIS A 201 4.79 -8.43 -5.40
CA HIS A 201 5.55 -9.40 -4.64
C HIS A 201 6.23 -10.40 -5.55
N LEU A 202 5.56 -10.81 -6.64
CA LEU A 202 6.20 -11.71 -7.58
C LEU A 202 7.47 -11.09 -8.17
N GLY A 203 7.38 -9.84 -8.65
CA GLY A 203 8.54 -9.17 -9.24
C GLY A 203 9.68 -8.99 -8.26
N ASP A 204 9.35 -8.58 -7.04
CA ASP A 204 10.32 -8.46 -5.94
C ASP A 204 10.96 -9.79 -5.58
N ALA A 205 10.17 -10.85 -5.48
CA ALA A 205 10.77 -12.14 -5.19
C ALA A 205 11.74 -12.52 -6.29
N MET A 206 11.31 -12.39 -7.55
CA MET A 206 12.16 -12.77 -8.67
C MET A 206 13.44 -11.95 -8.71
N GLN A 207 13.36 -10.64 -8.48
CA GLN A 207 14.58 -9.85 -8.46
C GLN A 207 15.50 -10.31 -7.35
N ARG A 208 14.94 -10.71 -6.22
CA ARG A 208 15.77 -11.07 -5.09
C ARG A 208 16.43 -12.44 -5.24
N VAL A 209 16.04 -13.23 -6.24
CA VAL A 209 16.73 -14.48 -6.56
C VAL A 209 17.42 -14.41 -7.92
N GLY A 210 17.59 -13.21 -8.47
CA GLY A 210 18.34 -13.07 -9.71
C GLY A 210 17.61 -13.51 -10.97
N ASN A 211 16.30 -13.63 -10.94
CA ASN A 211 15.56 -14.09 -12.11
C ASN A 211 15.21 -12.89 -12.98
N LYS A 212 15.64 -12.90 -14.24
CA LYS A 212 15.49 -11.73 -15.10
C LYS A 212 14.05 -11.54 -15.57
N GLU A 213 13.20 -12.58 -15.47
CA GLU A 213 11.81 -12.46 -15.91
C GLU A 213 10.99 -11.50 -15.08
N ALA A 214 11.55 -10.95 -13.98
CA ALA A 214 10.79 -9.99 -13.16
C ALA A 214 10.19 -8.89 -14.04
N TYR A 215 10.95 -8.41 -15.00
CA TYR A 215 10.47 -7.28 -15.78
C TYR A 215 9.33 -7.67 -16.71
N LYS A 216 9.27 -8.92 -17.13
CA LYS A 216 8.10 -9.36 -17.88
C LYS A 216 6.84 -9.18 -17.06
N TRP A 217 6.92 -9.51 -15.75
CA TRP A 217 5.75 -9.45 -14.90
C TRP A 217 5.40 -8.01 -14.56
N TYR A 218 6.41 -7.14 -14.33
CA TYR A 218 6.14 -5.71 -14.18
C TYR A 218 5.45 -5.14 -15.43
N GLU A 219 5.88 -5.59 -16.61
CA GLU A 219 5.25 -5.12 -17.83
C GLU A 219 3.82 -5.64 -17.96
N LEU A 220 3.61 -6.91 -17.62
CA LEU A 220 2.24 -7.41 -17.58
C LEU A 220 1.44 -6.62 -16.56
N GLY A 221 2.02 -6.38 -15.39
CA GLY A 221 1.32 -5.58 -14.39
C GLY A 221 0.94 -4.23 -14.95
N HIS A 222 1.87 -3.59 -15.67
CA HIS A 222 1.58 -2.33 -16.31
C HIS A 222 0.40 -2.45 -17.27
N LYS A 223 0.43 -3.44 -18.17
CA LYS A 223 -0.66 -3.60 -19.13
CA LYS A 223 -0.66 -3.60 -19.12
C LYS A 223 -1.99 -3.82 -18.41
N ARG A 224 -1.97 -4.42 -17.21
CA ARG A 224 -3.19 -4.65 -16.43
C ARG A 224 -3.59 -3.44 -15.58
N GLY A 225 -2.87 -2.32 -15.68
CA GLY A 225 -3.18 -1.11 -14.95
C GLY A 225 -2.64 -1.03 -13.55
N HIS A 226 -1.75 -1.91 -13.15
CA HIS A 226 -1.25 -1.84 -11.80
C HIS A 226 -0.03 -0.96 -11.63
N PHE A 227 0.72 -0.67 -12.70
CA PHE A 227 1.93 0.13 -12.63
C PHE A 227 1.90 1.14 -13.78
N ALA A 228 2.51 2.30 -13.54
CA ALA A 228 2.55 3.32 -14.59
C ALA A 228 3.37 2.87 -15.78
N SER A 229 4.44 2.10 -15.56
CA SER A 229 5.20 1.48 -16.64
C SER A 229 6.03 0.35 -16.02
N VAL A 230 6.81 -0.31 -16.86
CA VAL A 230 7.64 -1.41 -16.36
C VAL A 230 8.61 -0.90 -15.31
N TRP A 231 9.01 0.35 -15.40
CA TRP A 231 9.98 0.93 -14.48
C TRP A 231 9.38 1.77 -13.35
N GLN A 232 8.25 2.45 -13.61
CA GLN A 232 7.66 3.42 -12.68
C GLN A 232 6.45 2.76 -12.03
N ARG A 233 6.59 2.45 -10.75
CA ARG A 233 5.67 1.55 -10.08
C ARG A 233 5.29 2.04 -8.68
N SER A 234 5.44 3.32 -8.42
CA SER A 234 4.96 3.86 -7.16
C SER A 234 3.43 3.74 -7.06
N LEU A 235 2.95 3.80 -5.83
CA LEU A 235 1.55 3.54 -5.52
C LEU A 235 0.68 4.79 -5.48
N TYR A 236 1.17 5.90 -4.94
CA TYR A 236 0.36 7.09 -4.68
C TYR A 236 0.75 8.16 -5.68
N ASN A 237 -0.08 8.36 -6.69
CA ASN A 237 0.30 9.14 -7.86
C ASN A 237 -0.73 10.20 -8.21
N VAL A 238 -0.24 11.22 -8.90
CA VAL A 238 -1.05 12.23 -9.55
C VAL A 238 -0.83 12.13 -11.05
N ASN A 239 -1.93 12.16 -11.80
CA ASN A 239 -1.88 12.01 -13.26
C ASN A 239 -1.30 13.26 -13.90
N GLY A 240 -0.64 13.06 -15.04
CA GLY A 240 -0.18 14.19 -15.84
C GLY A 240 1.18 14.76 -15.48
N LEU A 241 1.93 14.14 -14.59
CA LEU A 241 3.24 14.66 -14.21
C LEU A 241 4.29 14.06 -15.14
N LYS A 242 5.11 14.91 -15.74
CA LYS A 242 6.27 14.44 -16.48
C LYS A 242 6.98 13.29 -15.78
N ALA A 243 7.21 12.21 -16.54
CA ALA A 243 7.76 10.95 -16.01
C ALA A 243 9.04 10.55 -16.74
N GLN A 244 10.19 10.80 -16.12
CA GLN A 244 11.47 10.41 -16.67
C GLN A 244 12.37 10.11 -15.49
N PRO A 245 13.29 9.16 -15.62
CA PRO A 245 14.04 8.72 -14.45
C PRO A 245 15.07 9.72 -13.96
N TRP A 246 15.78 10.37 -14.86
CA TRP A 246 16.84 11.31 -14.53
C TRP A 246 16.53 12.70 -15.06
N TRP A 247 16.72 13.70 -14.19
CA TRP A 247 16.43 15.09 -14.49
C TRP A 247 17.68 15.93 -14.35
N THR A 248 17.77 16.97 -15.20
CA THR A 248 18.77 18.00 -14.97
C THR A 248 18.20 19.11 -14.09
N PRO A 249 19.05 19.87 -13.40
CA PRO A 249 18.56 21.04 -12.63
C PRO A 249 17.71 21.99 -13.44
N LYS A 250 18.16 22.34 -14.65
CA LYS A 250 17.35 23.20 -15.50
C LYS A 250 15.96 22.60 -15.73
N GLU A 251 15.87 21.29 -15.98
CA GLU A 251 14.59 20.65 -16.23
C GLU A 251 13.66 20.73 -15.02
N THR A 252 14.20 20.67 -13.81
CA THR A 252 13.32 20.81 -12.65
C THR A 252 12.89 22.26 -12.37
N GLY A 253 13.65 23.25 -12.86
CA GLY A 253 13.41 24.64 -12.53
C GLY A 253 13.84 25.03 -11.13
N TYR A 254 14.34 24.09 -10.34
CA TYR A 254 14.82 24.42 -8.99
C TYR A 254 16.30 24.74 -9.00
N THR A 255 16.69 25.67 -9.88
CA THR A 255 18.10 25.92 -10.11
C THR A 255 18.72 26.64 -8.92
N GLU A 256 17.95 27.48 -8.23
CA GLU A 256 18.50 28.20 -7.09
C GLU A 256 18.80 27.26 -5.91
N LEU A 257 17.96 26.26 -5.70
CA LEU A 257 18.23 25.27 -4.65
C LEU A 257 19.43 24.39 -4.98
N VAL A 258 19.53 23.92 -6.22
CA VAL A 258 20.73 23.20 -6.65
C VAL A 258 21.98 24.04 -6.44
N LYS A 259 21.95 25.32 -6.86
CA LYS A 259 23.10 26.18 -6.65
C LYS A 259 23.44 26.31 -5.18
N SER A 260 22.43 26.49 -4.33
CA SER A 260 22.72 26.67 -2.91
CA SER A 260 22.72 26.67 -2.91
C SER A 260 23.37 25.41 -2.35
N LEU A 261 22.86 24.23 -2.74
CA LEU A 261 23.44 22.97 -2.25
C LEU A 261 24.88 22.80 -2.73
N GLU A 262 25.13 23.02 -4.02
CA GLU A 262 26.48 22.82 -4.53
C GLU A 262 27.45 23.86 -3.99
N ARG A 263 27.03 25.11 -3.88
CA ARG A 263 27.97 26.16 -3.50
C ARG A 263 28.29 26.12 -2.02
N ASN A 264 27.40 25.59 -1.19
CA ASN A 264 27.66 25.44 0.23
C ASN A 264 27.93 24.00 0.61
N TRP A 265 28.41 23.18 -0.33
CA TRP A 265 28.46 21.74 -0.11
C TRP A 265 29.40 21.36 1.04
N LYS A 266 30.52 22.06 1.20
CA LYS A 266 31.44 21.65 2.25
C LYS A 266 30.87 21.90 3.64
N LEU A 267 30.12 22.99 3.82
CA LEU A 267 29.43 23.20 5.09
C LEU A 267 28.41 22.09 5.39
N ILE A 268 27.66 21.65 4.39
CA ILE A 268 26.67 20.59 4.56
C ILE A 268 27.37 19.30 4.93
N ARG A 269 28.42 18.97 4.20
CA ARG A 269 29.29 17.85 4.53
C ARG A 269 29.79 17.92 5.96
N ASP A 270 30.33 19.06 6.33
CA ASP A 270 31.02 19.16 7.62
C ASP A 270 30.05 19.00 8.77
N GLU A 271 28.85 19.53 8.65
CA GLU A 271 27.84 19.30 9.67
C GLU A 271 27.43 17.84 9.74
N GLY A 272 27.28 17.17 8.60
CA GLY A 272 27.02 15.73 8.65
C GLY A 272 28.15 14.93 9.30
N LEU A 273 29.40 15.23 8.92
CA LEU A 273 30.54 14.54 9.52
C LEU A 273 30.65 14.83 11.01
N ALA A 274 30.29 16.04 11.45
CA ALA A 274 30.34 16.36 12.88
C ALA A 274 29.37 15.50 13.66
N VAL A 275 28.14 15.32 13.12
CA VAL A 275 27.15 14.46 13.76
C VAL A 275 27.62 13.00 13.74
N MET A 276 28.20 12.57 12.62
CA MET A 276 28.81 11.24 12.62
C MET A 276 29.84 11.10 13.71
N ASP A 277 30.67 12.11 13.89
CA ASP A 277 31.78 11.98 14.84
C ASP A 277 31.33 12.02 16.30
N LYS A 278 30.39 12.90 16.63
CA LYS A 278 29.98 13.15 18.01
C LYS A 278 28.72 12.40 18.39
N ALA A 279 27.71 12.43 17.52
CA ALA A 279 26.42 11.85 17.84
C ALA A 279 26.06 10.72 16.87
N LYS A 280 26.97 9.73 16.74
CA LYS A 280 26.81 8.76 15.67
C LYS A 280 25.53 7.95 15.81
N GLY A 281 24.94 7.91 17.01
CA GLY A 281 23.65 7.27 17.20
C GLY A 281 22.50 7.97 16.52
N LEU A 282 22.69 9.20 16.06
CA LEU A 282 21.63 9.91 15.35
C LEU A 282 21.50 9.43 13.90
N PHE A 283 22.46 8.65 13.41
CA PHE A 283 22.32 8.00 12.11
C PHE A 283 21.60 6.67 12.34
N LEU A 284 20.38 6.52 11.82
CA LEU A 284 19.56 5.34 12.10
C LEU A 284 19.67 4.37 10.93
N PRO A 285 19.75 3.08 11.24
CA PRO A 285 19.85 2.05 10.19
C PRO A 285 18.72 2.23 9.20
N GLU A 286 19.04 2.15 7.93
CA GLU A 286 18.02 2.28 6.90
C GLU A 286 17.16 1.02 6.77
N ASP A 287 16.15 1.12 5.91
CA ASP A 287 15.11 0.11 5.68
C ASP A 287 15.71 -1.27 5.55
N GLU A 288 15.48 -2.12 6.54
CA GLU A 288 16.12 -3.44 6.53
C GLU A 288 15.62 -4.30 5.38
N ASN A 289 14.38 -4.06 4.92
CA ASN A 289 13.85 -4.80 3.77
C ASN A 289 14.66 -4.53 2.50
N LEU A 290 15.17 -3.30 2.34
CA LEU A 290 15.89 -2.87 1.13
C LEU A 290 17.38 -3.19 1.17
N ARG A 291 17.92 -3.46 2.35
CA ARG A 291 19.35 -3.72 2.51
C ARG A 291 19.62 -5.21 2.37
N GLU A 292 20.14 -5.62 1.21
CA GLU A 292 20.56 -7.02 1.09
C GLU A 292 21.72 -7.33 2.02
N LYS A 293 22.76 -6.50 1.96
CA LYS A 293 23.95 -6.68 2.78
C LYS A 293 24.55 -5.31 3.05
N GLY A 294 25.34 -5.24 4.12
CA GLY A 294 26.13 -4.06 4.33
C GLY A 294 25.68 -3.19 5.48
N ASP A 295 26.03 -1.92 5.40
CA ASP A 295 25.92 -1.00 6.51
C ASP A 295 25.51 0.33 5.91
N TRP A 296 24.31 0.84 6.26
CA TRP A 296 23.63 1.92 5.55
C TRP A 296 22.72 2.60 6.55
N SER A 297 22.88 3.92 6.73
CA SER A 297 22.21 4.63 7.82
C SER A 297 21.84 6.02 7.35
N GLN A 298 20.95 6.68 8.10
CA GLN A 298 20.45 7.98 7.70
C GLN A 298 20.17 8.86 8.91
N PHE A 299 20.32 10.16 8.68
CA PHE A 299 20.14 11.19 9.69
C PHE A 299 19.18 12.20 9.10
N THR A 300 17.93 12.19 9.57
CA THR A 300 16.85 12.95 8.95
C THR A 300 16.73 14.34 9.56
N LEU A 301 16.69 15.34 8.70
CA LEU A 301 16.42 16.71 9.11
C LEU A 301 14.96 17.12 8.92
N TRP A 302 14.33 16.73 7.81
CA TRP A 302 12.90 17.01 7.61
C TRP A 302 12.23 15.73 7.18
N GLN A 303 11.02 15.50 7.66
CA GLN A 303 10.28 14.30 7.33
C GLN A 303 8.89 14.76 6.94
N GLN A 304 8.49 14.60 5.69
CA GLN A 304 7.16 14.94 5.25
C GLN A 304 6.78 16.37 5.64
N GLY A 305 7.69 17.29 5.38
CA GLY A 305 7.40 18.68 5.57
C GLY A 305 7.45 19.15 7.00
N ARG A 306 7.97 18.31 7.91
CA ARG A 306 8.03 18.58 9.35
C ARG A 306 9.49 18.59 9.75
N ARG A 307 9.98 19.75 10.16
CA ARG A 307 11.35 19.89 10.60
C ARG A 307 11.57 19.14 11.91
N ASN A 308 12.70 18.44 11.98
CA ASN A 308 13.11 17.75 13.21
C ASN A 308 13.98 18.71 14.01
N GLU A 309 13.42 19.23 15.10
CA GLU A 309 14.14 20.30 15.80
C GLU A 309 15.46 19.80 16.39
N ASN A 310 15.45 18.60 16.99
CA ASN A 310 16.70 18.13 17.59
C ASN A 310 17.78 17.89 16.54
N ALA A 311 17.38 17.42 15.34
CA ALA A 311 18.35 17.22 14.27
C ALA A 311 18.91 18.54 13.74
N CYS A 312 18.07 19.56 13.64
CA CYS A 312 18.57 20.85 13.20
C CYS A 312 19.46 21.52 14.22
N LYS A 313 19.43 21.11 15.48
CA LYS A 313 20.47 21.60 16.37
C LYS A 313 21.82 20.95 16.07
N GLY A 314 21.82 19.77 15.45
CA GLY A 314 23.06 19.14 15.03
C GLY A 314 23.63 19.62 13.70
N ALA A 315 22.78 20.13 12.82
CA ALA A 315 23.21 20.67 11.53
C ALA A 315 22.53 22.01 11.36
N PRO A 316 22.87 22.99 12.19
CA PRO A 316 22.08 24.22 12.19
C PRO A 316 22.24 25.08 10.93
N LYS A 317 23.47 25.22 10.41
CA LYS A 317 23.64 26.04 9.21
C LYS A 317 22.96 25.40 8.02
N THR A 318 23.01 24.08 7.91
CA THR A 318 22.36 23.39 6.80
C THR A 318 20.84 23.58 6.85
N CYS A 319 20.23 23.40 8.02
CA CYS A 319 18.80 23.68 8.17
C CYS A 319 18.47 25.13 7.81
N THR A 320 19.30 26.08 8.25
CA THR A 320 19.09 27.49 7.90
C THR A 320 19.10 27.67 6.40
N LEU A 321 20.07 27.05 5.73
CA LEU A 321 20.15 27.12 4.28
C LEU A 321 18.85 26.64 3.62
N LEU A 322 18.37 25.49 4.04
CA LEU A 322 17.21 24.85 3.43
C LEU A 322 15.93 25.62 3.68
N GLU A 323 15.85 26.39 4.76
N GLU A 323 15.87 26.40 4.77
CA GLU A 323 14.62 27.10 5.06
CA GLU A 323 14.65 27.14 5.08
C GLU A 323 14.25 28.07 3.94
C GLU A 323 14.24 28.04 3.93
N LYS A 324 15.21 28.44 3.10
CA LYS A 324 14.91 29.35 1.99
C LYS A 324 14.12 28.66 0.89
N PHE A 325 13.97 27.34 0.94
CA PHE A 325 13.45 26.60 -0.21
C PHE A 325 12.26 25.74 0.15
N PRO A 326 11.07 26.33 0.17
CA PRO A 326 9.89 25.55 0.56
C PRO A 326 9.56 24.44 -0.43
N GLU A 327 10.07 24.48 -1.66
CA GLU A 327 9.89 23.35 -2.56
C GLU A 327 10.44 22.06 -1.98
N THR A 328 11.31 22.12 -0.98
CA THR A 328 11.75 20.92 -0.31
C THR A 328 11.32 20.86 1.15
N THR A 329 11.44 21.95 1.91
CA THR A 329 11.05 21.87 3.32
C THR A 329 9.55 21.65 3.49
N GLY A 330 8.75 22.10 2.53
CA GLY A 330 7.32 21.95 2.56
C GLY A 330 6.86 20.78 1.73
N CYS A 331 7.75 19.93 1.27
CA CYS A 331 7.35 18.77 0.49
C CYS A 331 6.82 17.72 1.45
N ARG A 332 5.49 17.64 1.57
CA ARG A 332 4.89 16.71 2.52
C ARG A 332 5.02 15.26 2.09
N ARG A 333 5.42 15.00 0.85
CA ARG A 333 5.68 13.64 0.41
C ARG A 333 7.15 13.30 0.31
N GLY A 334 8.01 14.11 0.92
CA GLY A 334 9.44 13.95 0.77
C GLY A 334 10.18 13.95 2.10
N GLN A 335 11.49 13.83 1.99
CA GLN A 335 12.36 13.88 3.14
C GLN A 335 13.61 14.66 2.80
N ILE A 336 14.29 15.10 3.85
CA ILE A 336 15.62 15.71 3.74
C ILE A 336 16.48 14.97 4.74
N LYS A 337 17.50 14.25 4.25
CA LYS A 337 18.30 13.45 5.15
C LYS A 337 19.71 13.20 4.63
N TYR A 338 20.66 13.06 5.56
CA TYR A 338 22.00 12.58 5.23
C TYR A 338 21.92 11.07 5.13
N SER A 339 22.74 10.49 4.24
CA SER A 339 22.66 9.06 3.94
C SER A 339 24.07 8.52 3.78
N ILE A 340 24.49 7.65 4.66
CA ILE A 340 25.82 7.07 4.65
C ILE A 340 25.74 5.58 4.30
N MET A 341 26.72 5.12 3.54
CA MET A 341 26.74 3.75 3.04
C MET A 341 28.19 3.30 3.01
N HIS A 342 28.48 2.15 3.61
CA HIS A 342 29.83 1.65 3.76
C HIS A 342 30.11 0.53 2.77
N PRO A 343 31.38 0.15 2.61
CA PRO A 343 31.71 -0.88 1.60
C PRO A 343 30.97 -2.18 1.88
N GLY A 344 30.72 -2.92 0.80
CA GLY A 344 30.01 -4.19 0.88
C GLY A 344 28.51 -4.04 0.99
N THR A 345 27.94 -2.94 0.52
CA THR A 345 26.51 -2.70 0.68
C THR A 345 25.82 -2.81 -0.68
N HIS A 346 24.63 -3.39 -0.67
CA HIS A 346 23.79 -3.44 -1.86
C HIS A 346 22.36 -3.23 -1.39
N VAL A 347 21.71 -2.25 -2.01
CA VAL A 347 20.31 -1.94 -1.80
C VAL A 347 19.54 -2.56 -2.96
N TRP A 348 18.55 -3.38 -2.61
CA TRP A 348 17.73 -4.01 -3.62
C TRP A 348 17.03 -2.99 -4.52
N PRO A 349 16.74 -3.36 -5.78
CA PRO A 349 15.92 -2.49 -6.62
C PRO A 349 14.57 -2.27 -5.97
N HIS A 350 14.13 -1.01 -6.00
CA HIS A 350 12.86 -0.63 -5.41
C HIS A 350 12.44 0.69 -6.00
N THR A 351 11.21 1.08 -5.69
CA THR A 351 10.74 2.42 -5.93
C THR A 351 10.24 3.07 -4.64
N GLY A 352 10.16 4.41 -4.67
CA GLY A 352 9.48 5.14 -3.65
C GLY A 352 7.96 5.08 -3.76
N PRO A 353 7.31 5.74 -2.83
CA PRO A 353 5.86 5.60 -2.75
C PRO A 353 5.07 6.49 -3.66
N THR A 354 5.67 7.50 -4.30
CA THR A 354 4.86 8.54 -4.96
C THR A 354 5.58 9.11 -6.17
N ASN A 355 4.81 9.52 -7.19
CA ASN A 355 5.39 10.25 -8.31
C ASN A 355 5.35 11.77 -8.10
N CYS A 356 4.91 12.23 -6.93
CA CYS A 356 4.77 13.63 -6.61
C CYS A 356 6.05 14.29 -6.13
N ARG A 357 7.17 13.59 -6.10
CA ARG A 357 8.42 14.19 -5.65
C ARG A 357 9.53 13.86 -6.60
N LEU A 358 10.57 14.68 -6.60
CA LEU A 358 11.83 14.30 -7.19
C LEU A 358 12.86 14.25 -6.09
N ARG A 359 13.89 13.42 -6.30
CA ARG A 359 14.90 13.16 -5.29
C ARG A 359 16.26 13.66 -5.78
N MET A 360 16.77 14.67 -5.08
CA MET A 360 18.11 15.20 -5.27
C MET A 360 19.12 14.54 -4.30
N HIS A 361 20.29 14.21 -4.84
CA HIS A 361 21.41 13.70 -4.09
C HIS A 361 22.57 14.66 -4.26
N LEU A 362 23.10 15.17 -3.16
CA LEU A 362 24.30 16.01 -3.15
C LEU A 362 25.44 15.14 -2.66
N GLY A 363 26.51 15.04 -3.44
CA GLY A 363 27.64 14.21 -3.04
C GLY A 363 28.47 14.95 -2.03
N LEU A 364 28.75 14.30 -0.91
CA LEU A 364 29.55 14.89 0.16
C LEU A 364 30.90 14.22 0.36
N VAL A 365 30.92 12.89 0.51
CA VAL A 365 32.12 12.10 0.50
C VAL A 365 31.92 10.91 -0.45
N ILE A 366 32.58 10.96 -1.59
CA ILE A 366 32.37 9.94 -2.61
C ILE A 366 33.74 9.30 -2.89
N PRO A 367 33.99 8.07 -2.48
CA PRO A 367 35.23 7.39 -2.91
C PRO A 367 35.34 7.43 -4.43
N LYS A 368 36.57 7.36 -4.94
CA LYS A 368 36.75 7.59 -6.38
C LYS A 368 36.26 6.42 -7.24
N GLU A 369 36.16 5.21 -6.67
CA GLU A 369 35.67 4.04 -7.35
C GLU A 369 34.72 3.28 -6.43
N GLY A 370 33.76 2.56 -7.01
CA GLY A 370 32.98 1.58 -6.27
C GLY A 370 31.51 1.92 -6.00
N CYS A 371 31.11 3.20 -6.02
CA CYS A 371 29.74 3.61 -5.70
C CYS A 371 28.97 3.92 -6.97
N LYS A 372 27.80 3.34 -7.13
CA LYS A 372 26.98 3.72 -8.26
C LYS A 372 25.50 3.56 -7.95
N ILE A 373 24.69 4.29 -8.70
CA ILE A 373 23.25 4.29 -8.57
C ILE A 373 22.64 4.14 -9.96
N ARG A 374 21.80 3.13 -10.13
CA ARG A 374 20.94 2.97 -11.31
C ARG A 374 19.53 3.48 -11.03
N CYS A 375 18.99 4.22 -11.99
CA CYS A 375 17.55 4.49 -12.08
C CYS A 375 17.09 4.08 -13.48
N ALA A 376 16.12 3.17 -13.54
CA ALA A 376 15.65 2.59 -14.81
C ALA A 376 16.85 1.96 -15.51
N ASN A 377 17.14 2.32 -16.77
CA ASN A 377 18.19 1.65 -17.52
C ASN A 377 19.54 2.37 -17.48
N GLU A 378 19.67 3.46 -16.73
CA GLU A 378 20.89 4.24 -16.73
C GLU A 378 21.51 4.27 -15.34
N THR A 379 22.81 3.98 -15.30
CA THR A 379 23.57 3.92 -14.07
C THR A 379 24.54 5.08 -14.05
N LYS A 380 24.64 5.72 -12.89
CA LYS A 380 25.36 6.97 -12.79
C LYS A 380 26.19 6.92 -11.52
N THR A 381 27.09 7.89 -11.31
CA THR A 381 27.75 7.91 -10.00
C THR A 381 27.73 9.33 -9.45
N TRP A 382 28.08 9.48 -8.17
CA TRP A 382 28.05 10.76 -7.51
C TRP A 382 29.38 11.47 -7.68
N GLU A 383 29.37 12.78 -7.47
CA GLU A 383 30.56 13.63 -7.39
C GLU A 383 30.46 14.51 -6.18
N GLU A 384 31.58 14.73 -5.48
CA GLU A 384 31.56 15.60 -4.32
C GLU A 384 31.20 17.01 -4.74
N GLY A 385 30.18 17.59 -4.07
CA GLY A 385 29.73 18.94 -4.36
C GLY A 385 28.83 19.10 -5.55
N LYS A 386 28.43 18.02 -6.21
CA LYS A 386 27.49 18.05 -7.31
C LYS A 386 26.21 17.27 -7.01
N VAL A 387 25.11 17.80 -7.53
CA VAL A 387 23.77 17.24 -7.36
C VAL A 387 23.42 16.39 -8.57
N LEU A 388 22.92 15.19 -8.32
CA LEU A 388 22.16 14.36 -9.25
C LEU A 388 20.68 14.42 -8.86
N ILE A 389 19.82 14.28 -9.86
CA ILE A 389 18.38 14.37 -9.66
C ILE A 389 17.71 13.21 -10.37
N PHE A 390 16.98 12.41 -9.62
CA PHE A 390 16.24 11.30 -10.22
C PHE A 390 14.82 11.24 -9.66
N ASP A 391 13.93 10.66 -10.47
CA ASP A 391 12.54 10.44 -10.05
C ASP A 391 12.49 9.06 -9.40
N ASP A 392 12.41 9.00 -8.06
CA ASP A 392 12.55 7.73 -7.37
C ASP A 392 11.27 6.89 -7.36
N SER A 393 10.21 7.35 -8.05
CA SER A 393 9.10 6.49 -8.41
C SER A 393 9.50 5.51 -9.51
N PHE A 394 10.63 5.75 -10.16
CA PHE A 394 11.26 4.77 -11.07
C PHE A 394 12.16 3.85 -10.26
N GLU A 395 12.15 2.57 -10.61
CA GLU A 395 13.02 1.62 -9.97
C GLU A 395 14.47 2.07 -9.97
N HIS A 396 15.12 1.96 -8.83
CA HIS A 396 16.51 2.34 -8.63
C HIS A 396 17.16 1.35 -7.65
N GLU A 397 18.48 1.29 -7.70
CA GLU A 397 19.29 0.25 -7.08
C GLU A 397 20.65 0.85 -6.86
N VAL A 398 21.27 0.51 -5.73
CA VAL A 398 22.51 1.16 -5.32
C VAL A 398 23.53 0.11 -4.85
N TRP A 399 24.79 0.34 -5.23
CA TRP A 399 25.88 -0.53 -4.84
C TRP A 399 26.97 0.32 -4.21
N GLN A 400 27.59 -0.20 -3.16
CA GLN A 400 28.73 0.40 -2.49
C GLN A 400 29.82 -0.68 -2.39
N ASP A 401 30.78 -0.61 -3.33
CA ASP A 401 31.89 -1.55 -3.47
C ASP A 401 33.24 -0.84 -3.41
N ALA A 402 33.30 0.29 -2.70
CA ALA A 402 34.50 1.08 -2.50
C ALA A 402 35.30 0.60 -1.29
N SER A 403 36.36 1.32 -0.93
CA SER A 403 37.16 0.90 0.21
C SER A 403 37.01 1.82 1.41
N SER A 404 36.09 2.78 1.40
CA SER A 404 35.83 3.66 2.53
C SER A 404 34.40 4.15 2.41
N PHE A 405 33.95 4.96 3.36
CA PHE A 405 32.54 5.30 3.44
C PHE A 405 32.14 6.33 2.39
N ARG A 406 30.84 6.32 2.08
CA ARG A 406 30.22 7.22 1.11
C ARG A 406 29.07 7.99 1.75
N LEU A 407 29.17 9.30 1.75
CA LEU A 407 28.18 10.17 2.35
C LEU A 407 27.54 11.06 1.28
N ILE A 408 26.20 11.03 1.24
CA ILE A 408 25.44 11.92 0.37
C ILE A 408 24.41 12.65 1.23
N PHE A 409 23.87 13.73 0.65
CA PHE A 409 22.77 14.51 1.19
C PHE A 409 21.56 14.40 0.26
N ILE A 410 20.45 13.91 0.80
CA ILE A 410 19.22 13.61 0.05
C ILE A 410 18.17 14.69 0.31
N VAL A 411 17.68 15.32 -0.76
CA VAL A 411 16.76 16.44 -0.69
C VAL A 411 15.62 16.15 -1.64
N ASP A 412 14.43 15.90 -1.10
CA ASP A 412 13.27 15.70 -1.96
C ASP A 412 12.59 17.04 -2.24
N VAL A 413 12.06 17.17 -3.46
CA VAL A 413 11.32 18.36 -3.85
C VAL A 413 9.99 17.91 -4.44
N TRP A 414 8.96 18.77 -4.30
CA TRP A 414 7.72 18.54 -5.02
C TRP A 414 8.00 18.39 -6.51
N HIS A 415 7.29 17.48 -7.16
CA HIS A 415 7.38 17.45 -8.62
C HIS A 415 7.09 18.85 -9.18
N PRO A 416 7.93 19.37 -10.06
CA PRO A 416 7.76 20.79 -10.47
C PRO A 416 6.47 21.07 -11.24
N GLU A 417 5.80 20.08 -11.82
CA GLU A 417 4.54 20.34 -12.50
C GLU A 417 3.33 20.32 -11.59
N LEU A 418 3.50 20.02 -10.31
CA LEU A 418 2.38 20.15 -9.39
C LEU A 418 2.08 21.62 -9.20
N THR A 419 0.81 22.01 -9.31
CA THR A 419 0.41 23.39 -9.06
C THR A 419 0.50 23.72 -7.57
N PRO A 420 0.54 25.00 -7.22
CA PRO A 420 0.47 25.36 -5.80
C PRO A 420 -0.73 24.77 -5.06
N GLN A 421 -1.90 24.75 -5.69
CA GLN A 421 -3.05 24.21 -4.99
C GLN A 421 -2.89 22.73 -4.76
N GLN A 422 -2.37 22.01 -5.77
CA GLN A 422 -2.09 20.58 -5.57
C GLN A 422 -1.11 20.37 -4.43
N ARG A 423 -0.02 21.14 -4.40
CA ARG A 423 0.94 20.96 -3.32
C ARG A 423 0.28 21.20 -1.98
N ARG A 424 -0.71 22.10 -1.94
CA ARG A 424 -1.36 22.43 -0.67
C ARG A 424 -2.30 21.32 -0.21
N SER A 425 -2.88 20.56 -1.14
CA SER A 425 -3.98 19.66 -0.80
C SER A 425 -3.60 18.18 -0.79
N LEU A 426 -2.46 17.80 -1.33
CA LEU A 426 -2.06 16.39 -1.31
C LEU A 426 -1.85 15.91 0.12
N PRO A 427 -2.48 14.82 0.53
CA PRO A 427 -2.11 14.20 1.81
C PRO A 427 -0.65 13.78 1.81
N ALA A 428 -0.02 13.90 2.97
CA ALA A 428 1.22 13.19 3.21
C ALA A 428 0.95 11.68 3.17
N ILE A 429 2.01 10.91 3.04
CA ILE A 429 1.87 9.47 2.94
C ILE A 429 2.18 8.77 4.25
MN MN B . 15.10 4.63 -2.72
C01 Q1Z C . 17.99 5.19 -2.29
C02 Q1Z C . 19.56 5.07 -2.07
C03 Q1Z C . 20.11 6.09 -0.90
C04 Q1Z C . 19.92 3.53 -1.90
C05 Q1Z C . 17.40 6.45 -2.46
C06 Q1Z C . 21.61 6.08 -0.84
O01 Q1Z C . 17.24 4.21 -2.42
O02 Q1Z C . 16.16 6.56 -2.61
O03 Q1Z C . 18.00 7.65 -2.49
O04 Q1Z C . 22.19 5.83 -1.87
O05 Q1Z C . 22.06 6.49 0.34
H01 Q1Z C . 19.96 5.24 -2.93
H02 Q1Z C . 19.77 5.84 -0.03
H03 Q1Z C . 19.81 6.99 -1.05
H04 Q1Z C . 19.59 3.09 -1.10
H05 Q1Z C . 20.86 3.31 -1.87
H06 Q1Z C . 19.60 2.92 -2.58
#